data_4IU5
#
_entry.id   4IU5
#
_cell.length_a   89.617
_cell.length_b   89.617
_cell.length_c   114.359
_cell.angle_alpha   90.00
_cell.angle_beta   90.00
_cell.angle_gamma   120.00
#
_symmetry.space_group_name_H-M   'H 3'
#
loop_
_entity.id
_entity.type
_entity.pdbx_description
1 polymer Arginase
2 non-polymer 'MANGANESE (II) ION'
3 non-polymer L-ornithine
4 non-polymer GLYCEROL
5 water water
#
_entity_poly.entity_id   1
_entity_poly.type   'polypeptide(L)'
_entity_poly.pdbx_seq_one_letter_code
;MRGSHHHHHHGMAKKMSIVLAPFSGGQPHSGVELGPDYLLKQGLQQDMEKLGWDTRLERVFDGKVVEARKASDNGDRIGR
VKRPRLTAECTEKIYKCVRRVAEQGRFPLTIGGDHSIALGTVAGVLSVHPDAGVIWVDAHADINTMSGTVSGNLHGCPLS
ILLGLDRENIPECFSWVPQVLKPNKIAYIGLRAVDDEEKKILHDLNIAAFSMHHVDRYGIDKVVSMAIEAVSPKGTEPVM
VSYDVDTIDPLYVPATGTPVRGGLSFREALFLCERIAECGRLVALDVVECNPLLAATESHVNDTISVGCAIARCMMGETL
LYTPHTSSKL
;
_entity_poly.pdbx_strand_id   A
#
loop_
_chem_comp.id
_chem_comp.type
_chem_comp.name
_chem_comp.formula
GOL non-polymer GLYCEROL 'C3 H8 O3'
MN non-polymer 'MANGANESE (II) ION' 'Mn 2'
#
# COMPACT_ATOMS: atom_id res chain seq x y z
N LYS A 14 -17.68 -2.58 15.45
CA LYS A 14 -16.30 -2.09 15.14
C LYS A 14 -15.29 -3.23 15.24
N LYS A 15 -15.33 -4.11 14.25
CA LYS A 15 -14.44 -5.24 14.18
C LYS A 15 -13.35 -4.97 13.15
N MET A 16 -12.15 -5.41 13.46
CA MET A 16 -11.01 -5.23 12.57
C MET A 16 -10.18 -6.50 12.47
N SER A 17 -9.62 -6.73 11.28
CA SER A 17 -8.77 -7.88 11.04
C SER A 17 -7.43 -7.35 10.54
N ILE A 18 -6.38 -7.60 11.31
CA ILE A 18 -5.03 -7.16 10.97
C ILE A 18 -4.35 -8.21 10.10
N VAL A 19 -4.46 -8.02 8.78
CA VAL A 19 -3.89 -8.96 7.81
C VAL A 19 -2.35 -8.88 7.68
N LEU A 20 -1.68 -9.96 8.07
CA LEU A 20 -0.22 -10.03 8.03
C LEU A 20 0.33 -10.63 6.73
N ALA A 21 0.90 -9.77 5.89
CA ALA A 21 1.45 -10.20 4.62
C ALA A 21 2.95 -9.94 4.50
N PRO A 22 3.78 -10.89 4.99
CA PRO A 22 5.26 -10.86 4.99
C PRO A 22 5.89 -11.15 3.63
N PHE A 23 5.37 -10.53 2.58
CA PHE A 23 5.88 -10.79 1.24
C PHE A 23 6.94 -9.78 0.79
N SER A 24 8.02 -10.31 0.20
CA SER A 24 9.13 -9.49 -0.29
C SER A 24 9.44 -9.83 -1.74
N GLY A 25 8.40 -10.07 -2.53
CA GLY A 25 8.59 -10.40 -3.92
C GLY A 25 9.05 -9.22 -4.74
N GLY A 26 8.13 -8.29 -5.02
CA GLY A 26 8.49 -7.11 -5.78
C GLY A 26 9.76 -6.47 -5.23
N GLN A 27 10.12 -6.86 -4.01
CA GLN A 27 11.31 -6.36 -3.33
C GLN A 27 12.47 -7.35 -3.61
N PRO A 28 13.69 -6.83 -3.84
CA PRO A 28 14.86 -7.67 -4.10
C PRO A 28 15.06 -8.88 -3.16
N HIS A 29 15.88 -8.70 -2.12
CA HIS A 29 16.15 -9.79 -1.17
C HIS A 29 15.36 -9.78 0.15
N SER A 30 16.06 -9.50 1.25
CA SER A 30 15.44 -9.50 2.58
C SER A 30 15.12 -8.14 3.20
N GLY A 31 14.41 -8.18 4.33
CA GLY A 31 14.05 -6.95 5.04
C GLY A 31 12.58 -6.62 5.22
N VAL A 32 11.87 -6.44 4.11
CA VAL A 32 10.46 -6.06 4.12
C VAL A 32 9.43 -7.10 4.60
N GLU A 33 9.85 -8.34 4.81
CA GLU A 33 8.93 -9.39 5.27
C GLU A 33 8.77 -9.32 6.79
N LEU A 34 9.74 -8.71 7.45
CA LEU A 34 9.73 -8.58 8.90
C LEU A 34 8.79 -7.48 9.41
N GLY A 35 8.34 -6.62 8.51
CA GLY A 35 7.44 -5.55 8.89
C GLY A 35 6.26 -5.97 9.73
N PRO A 36 5.46 -6.94 9.25
CA PRO A 36 4.30 -7.40 10.02
C PRO A 36 4.61 -7.69 11.49
N ASP A 37 5.56 -8.58 11.73
CA ASP A 37 5.95 -8.93 13.08
C ASP A 37 6.44 -7.73 13.86
N TYR A 38 7.34 -6.96 13.24
CA TYR A 38 7.87 -5.77 13.88
C TYR A 38 6.78 -4.81 14.34
N LEU A 39 5.80 -4.56 13.47
CA LEU A 39 4.70 -3.67 13.81
C LEU A 39 3.96 -4.19 15.03
N LEU A 40 3.61 -5.47 15.00
CA LEU A 40 2.88 -6.10 16.09
C LEU A 40 3.63 -6.00 17.40
N LYS A 41 4.96 -5.97 17.32
CA LYS A 41 5.80 -5.86 18.51
C LYS A 41 5.70 -4.45 19.09
N GLN A 42 5.48 -3.47 18.23
CA GLN A 42 5.36 -2.08 18.67
C GLN A 42 4.03 -1.89 19.39
N GLY A 43 3.27 -2.98 19.48
CA GLY A 43 1.98 -2.96 20.14
C GLY A 43 0.83 -2.55 19.24
N LEU A 44 1.04 -2.71 17.92
CA LEU A 44 0.04 -2.34 16.94
C LEU A 44 -1.39 -2.81 17.29
N GLN A 45 -1.52 -4.06 17.70
CA GLN A 45 -2.83 -4.59 18.04
C GLN A 45 -3.39 -3.96 19.32
N GLN A 46 -2.51 -3.68 20.28
CA GLN A 46 -2.91 -3.07 21.54
C GLN A 46 -3.42 -1.66 21.24
N ASP A 47 -2.73 -0.95 20.35
CA ASP A 47 -3.12 0.41 19.95
C ASP A 47 -4.51 0.38 19.31
N MET A 48 -4.71 -0.59 18.42
CA MET A 48 -6.00 -0.73 17.74
C MET A 48 -7.12 -1.06 18.72
N GLU A 49 -6.82 -1.93 19.68
CA GLU A 49 -7.80 -2.30 20.69
C GLU A 49 -8.15 -1.04 21.48
N LYS A 50 -7.13 -0.28 21.87
CA LYS A 50 -7.30 0.95 22.63
C LYS A 50 -8.20 1.95 21.91
N LEU A 51 -8.00 2.09 20.60
CA LEU A 51 -8.82 3.00 19.82
C LEU A 51 -10.24 2.47 19.72
N GLY A 52 -10.49 1.36 20.43
CA GLY A 52 -11.82 0.76 20.45
C GLY A 52 -12.14 -0.23 19.35
N TRP A 53 -11.11 -0.89 18.82
CA TRP A 53 -11.31 -1.87 17.76
C TRP A 53 -11.21 -3.31 18.22
N ASP A 54 -12.25 -4.09 17.94
CA ASP A 54 -12.20 -5.49 18.29
C ASP A 54 -11.26 -6.05 17.23
N THR A 55 -9.98 -6.23 17.57
CA THR A 55 -9.01 -6.71 16.61
C THR A 55 -8.71 -8.19 16.65
N ARG A 56 -8.59 -8.76 15.45
CA ARG A 56 -8.29 -10.17 15.25
C ARG A 56 -7.17 -10.29 14.22
N LEU A 57 -6.11 -11.01 14.53
CA LEU A 57 -5.03 -11.16 13.57
C LEU A 57 -5.41 -12.17 12.50
N GLU A 58 -4.75 -12.06 11.35
CA GLU A 58 -4.99 -12.95 10.24
C GLU A 58 -3.69 -13.16 9.47
N ARG A 59 -3.04 -14.30 9.72
CA ARG A 59 -1.78 -14.63 9.05
C ARG A 59 -2.14 -15.32 7.74
N VAL A 60 -1.80 -14.68 6.63
CA VAL A 60 -2.10 -15.22 5.30
C VAL A 60 -1.06 -16.27 4.86
N PHE A 61 0.11 -16.24 5.49
CA PHE A 61 1.19 -17.19 5.23
C PHE A 61 2.44 -16.89 6.05
N ASP A 62 3.38 -17.84 6.06
CA ASP A 62 4.63 -17.71 6.81
C ASP A 62 5.71 -16.99 6.02
N GLY A 63 6.14 -15.84 6.54
CA GLY A 63 7.16 -15.06 5.87
C GLY A 63 8.51 -15.78 5.79
N LYS A 64 8.75 -16.67 6.75
CA LYS A 64 9.99 -17.43 6.81
C LYS A 64 10.11 -18.46 5.72
N VAL A 65 9.02 -19.16 5.44
CA VAL A 65 9.00 -20.15 4.39
C VAL A 65 9.06 -19.44 3.04
N VAL A 66 8.13 -18.51 2.83
CA VAL A 66 8.09 -17.74 1.58
C VAL A 66 9.45 -17.09 1.28
N GLU A 67 10.01 -16.44 2.29
CA GLU A 67 11.31 -15.80 2.14
C GLU A 67 12.28 -16.85 1.64
N ALA A 68 12.16 -18.05 2.21
CA ALA A 68 13.02 -19.17 1.84
C ALA A 68 12.94 -19.47 0.35
N ARG A 69 11.77 -19.94 -0.11
CA ARG A 69 11.59 -20.26 -1.53
C ARG A 69 11.95 -19.06 -2.40
N LYS A 70 11.82 -17.86 -1.83
CA LYS A 70 12.11 -16.64 -2.57
C LYS A 70 13.57 -16.69 -3.04
N ALA A 71 14.48 -16.87 -2.09
CA ALA A 71 15.92 -16.92 -2.38
C ALA A 71 16.29 -18.05 -3.33
N SER A 72 15.95 -19.27 -2.94
CA SER A 72 16.25 -20.44 -3.76
C SER A 72 15.72 -20.27 -5.18
N ASP A 73 14.40 -20.31 -5.30
CA ASP A 73 13.71 -20.15 -6.58
C ASP A 73 14.16 -18.85 -7.25
N ASN A 74 15.14 -18.98 -8.15
CA ASN A 74 15.71 -17.81 -8.84
C ASN A 74 15.26 -17.77 -10.30
N GLY A 75 14.54 -18.80 -10.73
CA GLY A 75 14.08 -18.87 -12.11
C GLY A 75 12.62 -18.52 -12.35
N ASP A 76 12.03 -17.75 -11.42
CA ASP A 76 10.65 -17.32 -11.54
C ASP A 76 10.72 -16.00 -12.33
N ARG A 77 10.53 -16.07 -13.65
CA ARG A 77 10.59 -14.90 -14.53
C ARG A 77 9.79 -15.04 -15.84
N ILE A 78 9.54 -13.90 -16.48
CA ILE A 78 8.83 -13.82 -17.75
C ILE A 78 9.18 -12.43 -18.26
N GLY A 79 10.16 -12.36 -19.17
CA GLY A 79 10.58 -11.07 -19.65
C GLY A 79 11.51 -10.58 -18.56
N ARG A 80 11.48 -9.28 -18.26
CA ARG A 80 12.34 -8.75 -17.18
C ARG A 80 11.62 -8.92 -15.85
N VAL A 81 10.34 -9.26 -15.94
CA VAL A 81 9.50 -9.48 -14.77
C VAL A 81 10.06 -10.62 -13.92
N LYS A 82 10.17 -10.37 -12.63
CA LYS A 82 10.70 -11.35 -11.67
C LYS A 82 9.62 -11.86 -10.71
N ARG A 83 9.76 -13.13 -10.31
CA ARG A 83 8.84 -13.79 -9.37
C ARG A 83 7.36 -13.70 -9.72
N PRO A 84 6.98 -13.92 -11.00
CA PRO A 84 5.55 -13.84 -11.35
C PRO A 84 4.77 -14.93 -10.64
N ARG A 85 5.33 -16.13 -10.64
CA ARG A 85 4.67 -17.28 -10.01
C ARG A 85 4.52 -17.06 -8.52
N LEU A 86 5.63 -16.80 -7.86
CA LEU A 86 5.63 -16.59 -6.42
C LEU A 86 4.71 -15.43 -6.04
N THR A 87 4.80 -14.32 -6.77
CA THR A 87 3.99 -13.13 -6.50
C THR A 87 2.51 -13.37 -6.79
N ALA A 88 2.22 -14.16 -7.83
CA ALA A 88 0.83 -14.46 -8.18
C ALA A 88 0.21 -15.40 -7.15
N GLU A 89 1.04 -16.31 -6.61
CA GLU A 89 0.59 -17.28 -5.61
C GLU A 89 0.20 -16.63 -4.29
N CYS A 90 1.09 -15.81 -3.76
CA CYS A 90 0.84 -15.16 -2.48
C CYS A 90 -0.22 -14.05 -2.50
N THR A 91 -0.19 -13.19 -3.53
CA THR A 91 -1.16 -12.10 -3.63
C THR A 91 -2.60 -12.61 -3.78
N GLU A 92 -2.74 -13.82 -4.31
CA GLU A 92 -4.07 -14.40 -4.47
C GLU A 92 -4.59 -14.82 -3.10
N LYS A 93 -3.69 -15.23 -2.22
CA LYS A 93 -4.07 -15.64 -0.87
C LYS A 93 -4.51 -14.42 -0.06
N ILE A 94 -3.84 -13.31 -0.32
CA ILE A 94 -4.15 -12.05 0.35
C ILE A 94 -5.53 -11.59 -0.13
N TYR A 95 -5.73 -11.64 -1.44
CA TYR A 95 -7.01 -11.27 -2.01
C TYR A 95 -8.13 -12.01 -1.28
N LYS A 96 -8.04 -13.33 -1.31
CA LYS A 96 -9.03 -14.20 -0.68
C LYS A 96 -9.27 -13.84 0.78
N CYS A 97 -8.18 -13.73 1.54
CA CYS A 97 -8.27 -13.38 2.94
C CYS A 97 -9.00 -12.04 3.09
N VAL A 98 -8.40 -10.99 2.54
CA VAL A 98 -8.98 -9.65 2.62
C VAL A 98 -10.42 -9.61 2.12
N ARG A 99 -10.76 -10.43 1.13
CA ARG A 99 -12.11 -10.44 0.61
C ARG A 99 -13.09 -10.97 1.67
N ARG A 100 -12.71 -12.04 2.36
CA ARG A 100 -13.57 -12.61 3.40
C ARG A 100 -13.70 -11.63 4.55
N VAL A 101 -12.55 -11.15 5.03
CA VAL A 101 -12.52 -10.18 6.13
C VAL A 101 -13.56 -9.09 5.86
N ALA A 102 -13.55 -8.60 4.64
CA ALA A 102 -14.46 -7.54 4.22
C ALA A 102 -15.91 -8.01 4.25
N GLU A 103 -16.16 -9.17 3.65
CA GLU A 103 -17.51 -9.73 3.61
C GLU A 103 -18.03 -9.97 5.03
N GLN A 104 -17.14 -10.39 5.92
CA GLN A 104 -17.50 -10.64 7.32
C GLN A 104 -17.80 -9.31 8.00
N GLY A 105 -17.63 -8.22 7.25
CA GLY A 105 -17.88 -6.90 7.80
C GLY A 105 -16.76 -6.37 8.68
N ARG A 106 -15.58 -6.95 8.56
CA ARG A 106 -14.40 -6.53 9.35
C ARG A 106 -13.59 -5.50 8.56
N PHE A 107 -12.77 -4.71 9.27
CA PHE A 107 -11.93 -3.72 8.59
C PHE A 107 -10.56 -4.36 8.30
N PRO A 108 -10.17 -4.39 7.02
CA PRO A 108 -8.88 -4.99 6.67
C PRO A 108 -7.73 -4.00 6.84
N LEU A 109 -6.87 -4.29 7.79
CA LEU A 109 -5.69 -3.46 8.00
C LEU A 109 -4.57 -4.42 7.61
N THR A 110 -4.04 -4.26 6.40
CA THR A 110 -2.99 -5.13 5.91
C THR A 110 -1.60 -4.56 6.10
N ILE A 111 -0.74 -5.34 6.74
CA ILE A 111 0.65 -4.93 7.00
C ILE A 111 1.63 -5.72 6.14
N GLY A 112 2.35 -5.00 5.27
CA GLY A 112 3.34 -5.64 4.42
C GLY A 112 4.70 -5.56 5.06
N GLY A 113 5.74 -5.94 4.32
CA GLY A 113 5.57 -6.41 2.95
C GLY A 113 5.67 -5.27 1.93
N ASP A 114 6.23 -5.55 0.76
CA ASP A 114 6.37 -4.53 -0.28
C ASP A 114 5.00 -4.17 -0.83
N HIS A 115 4.94 -3.19 -1.73
CA HIS A 115 3.66 -2.77 -2.28
C HIS A 115 3.00 -3.70 -3.28
N SER A 116 3.62 -4.84 -3.57
CA SER A 116 3.02 -5.79 -4.50
C SER A 116 1.79 -6.49 -3.87
N ILE A 117 1.66 -6.39 -2.55
CA ILE A 117 0.53 -7.00 -1.85
C ILE A 117 -0.79 -6.26 -2.15
N ALA A 118 -0.68 -5.01 -2.59
CA ALA A 118 -1.85 -4.20 -2.92
C ALA A 118 -2.66 -4.81 -4.05
N LEU A 119 -2.05 -5.77 -4.73
CA LEU A 119 -2.70 -6.46 -5.82
C LEU A 119 -3.83 -7.30 -5.22
N GLY A 120 -3.58 -7.88 -4.06
CA GLY A 120 -4.61 -8.69 -3.41
C GLY A 120 -5.50 -7.90 -2.48
N THR A 121 -5.00 -6.80 -1.93
CA THR A 121 -5.78 -5.96 -1.01
C THR A 121 -6.86 -5.19 -1.73
N VAL A 122 -6.45 -4.42 -2.73
CA VAL A 122 -7.37 -3.62 -3.52
C VAL A 122 -8.43 -4.51 -4.17
N ALA A 123 -8.00 -5.62 -4.74
CA ALA A 123 -8.94 -6.55 -5.37
C ALA A 123 -9.92 -7.04 -4.31
N GLY A 124 -9.37 -7.43 -3.16
CA GLY A 124 -10.21 -7.92 -2.08
C GLY A 124 -11.27 -6.91 -1.65
N VAL A 125 -10.83 -5.69 -1.33
CA VAL A 125 -11.75 -4.65 -0.88
C VAL A 125 -12.77 -4.19 -1.93
N LEU A 126 -12.33 -4.04 -3.18
CA LEU A 126 -13.23 -3.58 -4.24
C LEU A 126 -14.24 -4.66 -4.64
N SER A 127 -13.91 -5.92 -4.38
CA SER A 127 -14.81 -7.01 -4.70
C SER A 127 -16.07 -6.86 -3.85
N VAL A 128 -15.87 -6.51 -2.58
CA VAL A 128 -16.97 -6.32 -1.63
C VAL A 128 -17.52 -4.88 -1.70
N HIS A 129 -16.64 -3.90 -1.82
CA HIS A 129 -17.03 -2.49 -1.90
C HIS A 129 -16.64 -1.93 -3.28
N PRO A 130 -17.43 -2.28 -4.31
CA PRO A 130 -17.29 -1.90 -5.73
C PRO A 130 -17.05 -0.44 -6.07
N ASP A 131 -17.77 0.45 -5.37
CA ASP A 131 -17.68 1.88 -5.60
C ASP A 131 -16.67 2.55 -4.68
N ALA A 132 -15.74 1.79 -4.12
CA ALA A 132 -14.75 2.34 -3.22
C ALA A 132 -13.64 3.07 -3.97
N GLY A 133 -13.23 4.21 -3.44
CA GLY A 133 -12.16 4.98 -4.06
C GLY A 133 -10.83 4.51 -3.48
N VAL A 134 -9.74 4.75 -4.21
CA VAL A 134 -8.43 4.33 -3.74
C VAL A 134 -7.37 5.42 -3.72
N ILE A 135 -6.94 5.79 -2.52
CA ILE A 135 -5.92 6.81 -2.39
C ILE A 135 -4.58 6.12 -2.17
N TRP A 136 -3.72 6.26 -3.18
CA TRP A 136 -2.40 5.63 -3.16
C TRP A 136 -1.37 6.66 -2.71
N VAL A 137 -0.96 6.57 -1.45
CA VAL A 137 0.02 7.48 -0.86
C VAL A 137 1.39 6.86 -1.12
N ASP A 138 2.17 7.48 -1.99
CA ASP A 138 3.43 6.87 -2.37
C ASP A 138 4.32 7.86 -3.10
N ALA A 139 5.60 7.54 -3.16
CA ALA A 139 6.54 8.37 -3.88
C ALA A 139 6.53 7.89 -5.34
N HIS A 140 6.05 6.67 -5.54
CA HIS A 140 5.97 6.06 -6.87
C HIS A 140 4.54 5.75 -7.28
N ALA A 141 4.33 5.68 -8.60
CA ALA A 141 3.02 5.39 -9.16
C ALA A 141 2.65 3.90 -9.17
N ASP A 142 3.66 3.04 -9.01
CA ASP A 142 3.46 1.59 -9.01
C ASP A 142 2.49 1.19 -10.11
N ILE A 143 2.74 1.64 -11.33
CA ILE A 143 1.83 1.34 -12.43
C ILE A 143 2.53 0.85 -13.70
N ASN A 144 3.80 0.47 -13.60
CA ASN A 144 4.51 -0.04 -14.76
C ASN A 144 3.81 -1.30 -15.26
N THR A 145 3.76 -1.46 -16.59
CA THR A 145 3.15 -2.64 -17.18
C THR A 145 4.19 -3.74 -17.25
N MET A 146 3.74 -4.96 -17.53
CA MET A 146 4.62 -6.12 -17.63
C MET A 146 5.73 -5.90 -18.66
N SER A 147 5.36 -5.40 -19.84
CA SER A 147 6.29 -5.14 -20.92
C SER A 147 7.01 -3.80 -20.75
N GLY A 148 6.40 -2.91 -19.97
CA GLY A 148 6.99 -1.61 -19.72
C GLY A 148 8.04 -1.61 -18.63
N THR A 149 7.81 -2.39 -17.56
CA THR A 149 8.76 -2.44 -16.45
C THR A 149 10.22 -2.65 -16.83
N VAL A 150 11.06 -1.72 -16.43
CA VAL A 150 12.47 -1.81 -16.73
C VAL A 150 13.19 -2.72 -15.71
N SER A 151 12.83 -2.57 -14.44
CA SER A 151 13.46 -3.36 -13.38
C SER A 151 12.82 -4.73 -13.14
N GLY A 152 11.60 -4.91 -13.63
CA GLY A 152 10.93 -6.19 -13.44
C GLY A 152 10.45 -6.45 -12.02
N ASN A 153 10.70 -5.52 -11.10
CA ASN A 153 10.24 -5.69 -9.72
C ASN A 153 8.74 -5.44 -9.70
N LEU A 154 7.98 -6.47 -9.35
CA LEU A 154 6.53 -6.40 -9.34
C LEU A 154 5.88 -5.41 -8.38
N HIS A 155 6.64 -4.92 -7.39
CA HIS A 155 6.06 -3.96 -6.46
C HIS A 155 5.85 -2.63 -7.15
N GLY A 156 6.33 -2.53 -8.39
CA GLY A 156 6.17 -1.31 -9.18
C GLY A 156 5.22 -1.51 -10.34
N CYS A 157 4.46 -2.61 -10.30
CA CYS A 157 3.49 -2.92 -11.34
C CYS A 157 2.10 -3.27 -10.81
N PRO A 158 1.86 -3.15 -9.50
CA PRO A 158 0.53 -3.49 -8.98
C PRO A 158 -0.65 -2.88 -9.76
N LEU A 159 -0.67 -1.55 -9.83
CA LEU A 159 -1.73 -0.83 -10.50
C LEU A 159 -1.97 -1.16 -11.96
N SER A 160 -0.92 -1.50 -12.69
CA SER A 160 -1.11 -1.84 -14.11
C SER A 160 -1.95 -3.10 -14.22
N ILE A 161 -1.76 -4.01 -13.27
CA ILE A 161 -2.49 -5.28 -13.25
C ILE A 161 -3.94 -5.12 -12.78
N LEU A 162 -4.16 -4.30 -11.75
CA LEU A 162 -5.50 -4.06 -11.23
C LEU A 162 -6.35 -3.31 -12.24
N LEU A 163 -5.70 -2.44 -13.02
CA LEU A 163 -6.40 -1.64 -14.02
C LEU A 163 -6.48 -2.37 -15.37
N GLY A 164 -5.83 -3.54 -15.44
CA GLY A 164 -5.88 -4.34 -16.66
C GLY A 164 -5.08 -3.83 -17.85
N LEU A 165 -4.05 -3.05 -17.56
CA LEU A 165 -3.22 -2.49 -18.61
C LEU A 165 -2.27 -3.57 -19.13
N ASP A 166 -2.03 -3.54 -20.44
CA ASP A 166 -1.13 -4.50 -21.07
C ASP A 166 -1.62 -5.91 -20.81
N ARG A 167 -2.92 -6.14 -21.03
CA ARG A 167 -3.53 -7.44 -20.81
C ARG A 167 -2.71 -8.54 -21.49
N GLU A 168 -2.53 -8.36 -22.80
CA GLU A 168 -1.79 -9.28 -23.63
C GLU A 168 -0.59 -9.90 -22.92
N ASN A 169 0.23 -9.06 -22.28
CA ASN A 169 1.44 -9.54 -21.62
C ASN A 169 1.35 -9.91 -20.15
N ILE A 170 0.14 -9.97 -19.60
CA ILE A 170 -0.02 -10.35 -18.20
C ILE A 170 -0.11 -11.88 -18.11
N PRO A 171 0.73 -12.50 -17.24
CA PRO A 171 0.83 -13.94 -16.99
C PRO A 171 -0.46 -14.67 -16.68
N GLU A 172 -0.42 -15.98 -16.84
CA GLU A 172 -1.57 -16.84 -16.57
C GLU A 172 -1.77 -16.87 -15.05
N CYS A 173 -0.65 -16.82 -14.32
CA CYS A 173 -0.72 -16.83 -12.86
C CYS A 173 -1.44 -15.62 -12.27
N PHE A 174 -1.81 -14.66 -13.11
CA PHE A 174 -2.54 -13.45 -12.67
C PHE A 174 -3.96 -13.42 -13.20
N SER A 175 -4.44 -14.58 -13.61
CA SER A 175 -5.80 -14.67 -14.14
C SER A 175 -6.81 -14.51 -13.02
N TRP A 176 -6.38 -14.78 -11.78
CA TRP A 176 -7.25 -14.69 -10.62
C TRP A 176 -7.62 -13.27 -10.22
N VAL A 177 -6.94 -12.30 -10.83
CA VAL A 177 -7.17 -10.89 -10.51
C VAL A 177 -8.48 -10.34 -11.06
N PRO A 178 -9.41 -9.95 -10.17
CA PRO A 178 -10.69 -9.38 -10.59
C PRO A 178 -10.47 -7.99 -11.21
N GLN A 179 -11.28 -7.62 -12.19
CA GLN A 179 -11.18 -6.31 -12.81
C GLN A 179 -12.22 -5.39 -12.16
N VAL A 180 -11.88 -4.91 -10.97
CA VAL A 180 -12.77 -4.05 -10.22
C VAL A 180 -12.31 -2.58 -10.11
N LEU A 181 -11.04 -2.32 -10.43
CA LEU A 181 -10.51 -0.97 -10.30
C LEU A 181 -10.52 -0.15 -11.60
N LYS A 182 -11.18 0.99 -11.57
CA LYS A 182 -11.26 1.90 -12.71
C LYS A 182 -10.37 3.12 -12.42
N PRO A 183 -9.74 3.67 -13.47
CA PRO A 183 -8.83 4.83 -13.43
C PRO A 183 -9.32 6.06 -12.64
N ASN A 184 -10.63 6.33 -12.71
CA ASN A 184 -11.23 7.45 -12.02
C ASN A 184 -11.56 7.10 -10.57
N LYS A 185 -11.02 5.98 -10.10
CA LYS A 185 -11.27 5.55 -8.73
C LYS A 185 -9.95 5.43 -7.96
N ILE A 186 -8.87 5.88 -8.59
CA ILE A 186 -7.56 5.84 -7.95
C ILE A 186 -6.90 7.20 -8.04
N ALA A 187 -6.49 7.72 -6.88
CA ALA A 187 -5.84 9.03 -6.78
C ALA A 187 -4.49 8.87 -6.08
N TYR A 188 -3.49 9.59 -6.56
CA TYR A 188 -2.15 9.53 -5.98
C TYR A 188 -1.82 10.74 -5.12
N ILE A 189 -0.99 10.54 -4.09
CA ILE A 189 -0.57 11.66 -3.24
C ILE A 189 0.88 11.45 -2.80
N GLY A 190 1.73 12.41 -3.16
CA GLY A 190 3.13 12.35 -2.75
C GLY A 190 4.11 11.91 -3.82
N LEU A 191 3.62 11.72 -5.04
CA LEU A 191 4.46 11.28 -6.15
C LEU A 191 5.66 12.16 -6.46
N ARG A 192 6.79 11.53 -6.72
CA ARG A 192 8.00 12.26 -7.03
C ARG A 192 9.06 11.39 -7.70
N ALA A 193 8.74 10.14 -7.97
CA ALA A 193 9.67 9.22 -8.64
C ALA A 193 8.90 8.38 -9.67
N VAL A 194 8.32 9.07 -10.64
CA VAL A 194 7.53 8.45 -11.69
C VAL A 194 8.37 8.18 -12.94
N ASP A 195 8.31 6.95 -13.46
CA ASP A 195 9.07 6.60 -14.65
C ASP A 195 8.38 7.19 -15.88
N ASP A 196 9.16 7.52 -16.90
CA ASP A 196 8.62 8.11 -18.11
C ASP A 196 7.36 7.39 -18.59
N GLU A 197 7.47 6.07 -18.66
CA GLU A 197 6.35 5.23 -19.09
C GLU A 197 5.12 5.54 -18.27
N GLU A 198 5.31 5.61 -16.95
CA GLU A 198 4.23 5.86 -16.01
C GLU A 198 3.62 7.25 -16.15
N LYS A 199 4.45 8.23 -16.47
CA LYS A 199 3.95 9.59 -16.64
C LYS A 199 2.95 9.67 -17.77
N LYS A 200 3.23 8.97 -18.87
CA LYS A 200 2.33 8.96 -20.02
C LYS A 200 1.04 8.19 -19.69
N ILE A 201 1.18 7.12 -18.92
CA ILE A 201 0.05 6.29 -18.50
C ILE A 201 -0.96 7.08 -17.65
N LEU A 202 -0.46 7.78 -16.64
CA LEU A 202 -1.34 8.57 -15.78
C LEU A 202 -2.06 9.61 -16.62
N HIS A 203 -1.30 10.28 -17.49
CA HIS A 203 -1.84 11.31 -18.35
C HIS A 203 -2.92 10.78 -19.28
N ASP A 204 -2.58 9.72 -20.01
CA ASP A 204 -3.51 9.11 -20.95
C ASP A 204 -4.80 8.61 -20.29
N LEU A 205 -4.67 8.03 -19.10
CA LEU A 205 -5.86 7.53 -18.40
C LEU A 205 -6.47 8.61 -17.53
N ASN A 206 -5.87 9.79 -17.60
CA ASN A 206 -6.31 10.95 -16.84
C ASN A 206 -6.54 10.60 -15.37
N ILE A 207 -5.55 9.94 -14.76
CA ILE A 207 -5.62 9.55 -13.35
C ILE A 207 -5.27 10.74 -12.45
N ALA A 208 -6.10 10.98 -11.43
CA ALA A 208 -5.86 12.08 -10.50
C ALA A 208 -4.55 11.81 -9.76
N ALA A 209 -3.50 12.52 -10.15
CA ALA A 209 -2.20 12.33 -9.54
C ALA A 209 -1.73 13.62 -8.86
N PHE A 210 -1.42 13.53 -7.59
CA PHE A 210 -0.94 14.68 -6.86
C PHE A 210 0.48 14.38 -6.43
N SER A 211 1.43 15.04 -7.10
CA SER A 211 2.84 14.86 -6.82
C SER A 211 3.27 15.82 -5.71
N MET A 212 4.56 15.82 -5.40
CA MET A 212 5.07 16.72 -4.38
C MET A 212 4.90 18.18 -4.82
N HIS A 213 4.80 18.40 -6.13
CA HIS A 213 4.61 19.75 -6.66
C HIS A 213 3.32 20.33 -6.07
N HIS A 214 2.25 19.55 -6.13
CA HIS A 214 0.95 19.97 -5.62
C HIS A 214 0.94 20.20 -4.11
N VAL A 215 1.72 19.40 -3.38
CA VAL A 215 1.79 19.55 -1.94
C VAL A 215 2.52 20.84 -1.62
N ASP A 216 3.59 21.12 -2.36
CA ASP A 216 4.37 22.33 -2.18
C ASP A 216 3.53 23.53 -2.60
N ARG A 217 2.83 23.39 -3.70
CA ARG A 217 2.03 24.47 -4.21
C ARG A 217 0.77 24.74 -3.41
N TYR A 218 0.08 23.68 -3.01
CA TYR A 218 -1.19 23.83 -2.29
C TYR A 218 -1.22 23.50 -0.81
N GLY A 219 -0.24 22.78 -0.30
CA GLY A 219 -0.28 22.40 1.09
C GLY A 219 -1.01 21.07 1.16
N ILE A 220 -0.68 20.25 2.16
CA ILE A 220 -1.27 18.93 2.29
C ILE A 220 -2.80 18.89 2.45
N ASP A 221 -3.33 19.74 3.31
CA ASP A 221 -4.77 19.75 3.56
C ASP A 221 -5.56 19.78 2.24
N LYS A 222 -5.26 20.75 1.40
CA LYS A 222 -5.93 20.91 0.12
C LYS A 222 -5.77 19.67 -0.75
N VAL A 223 -4.57 19.11 -0.79
CA VAL A 223 -4.31 17.93 -1.61
C VAL A 223 -5.18 16.77 -1.19
N VAL A 224 -5.24 16.50 0.11
CA VAL A 224 -6.05 15.40 0.60
C VAL A 224 -7.51 15.63 0.20
N SER A 225 -7.98 16.86 0.38
CA SER A 225 -9.35 17.18 0.01
C SER A 225 -9.54 16.83 -1.46
N MET A 226 -8.61 17.27 -2.28
CA MET A 226 -8.71 17.00 -3.70
C MET A 226 -8.70 15.51 -3.99
N ALA A 227 -7.73 14.79 -3.46
CA ALA A 227 -7.63 13.34 -3.67
C ALA A 227 -8.93 12.66 -3.26
N ILE A 228 -9.49 13.06 -2.13
CA ILE A 228 -10.73 12.48 -1.66
C ILE A 228 -11.87 12.76 -2.64
N GLU A 229 -11.96 14.00 -3.13
CA GLU A 229 -13.01 14.37 -4.07
C GLU A 229 -12.86 13.60 -5.38
N ALA A 230 -11.62 13.43 -5.80
CA ALA A 230 -11.29 12.74 -7.05
C ALA A 230 -11.87 11.34 -7.18
N VAL A 231 -11.84 10.56 -6.10
CA VAL A 231 -12.34 9.19 -6.14
C VAL A 231 -13.75 9.06 -5.58
N SER A 232 -14.35 10.20 -5.27
CA SER A 232 -15.70 10.22 -4.72
C SER A 232 -16.64 11.14 -5.48
N PRO A 233 -17.15 10.68 -6.65
CA PRO A 233 -18.08 11.47 -7.47
C PRO A 233 -19.09 12.11 -6.52
N LYS A 234 -19.71 11.27 -5.69
CA LYS A 234 -20.66 11.70 -4.67
C LYS A 234 -19.89 11.65 -3.35
N GLY A 235 -20.05 12.66 -2.51
CA GLY A 235 -19.31 12.68 -1.26
C GLY A 235 -19.67 11.60 -0.26
N THR A 236 -20.03 10.44 -0.76
CA THR A 236 -20.42 9.34 0.11
C THR A 236 -19.68 8.01 -0.08
N GLU A 237 -18.94 7.87 -1.17
CA GLU A 237 -18.23 6.62 -1.46
C GLU A 237 -17.27 6.12 -0.39
N PRO A 238 -17.10 4.79 -0.32
CA PRO A 238 -16.20 4.16 0.64
C PRO A 238 -14.79 4.52 0.18
N VAL A 239 -13.86 4.63 1.14
CA VAL A 239 -12.50 4.96 0.77
C VAL A 239 -11.43 4.03 1.34
N MET A 240 -10.47 3.70 0.48
CA MET A 240 -9.37 2.84 0.86
C MET A 240 -8.07 3.56 0.61
N VAL A 241 -7.15 3.46 1.55
CA VAL A 241 -5.85 4.07 1.40
C VAL A 241 -4.81 2.97 1.42
N SER A 242 -3.84 3.06 0.51
CA SER A 242 -2.75 2.11 0.43
C SER A 242 -1.55 3.02 0.69
N TYR A 243 -1.02 2.95 1.90
CA TYR A 243 0.08 3.81 2.35
C TYR A 243 1.48 3.21 2.25
N ASP A 244 2.29 3.78 1.35
CA ASP A 244 3.66 3.32 1.20
C ASP A 244 4.46 4.27 2.09
N VAL A 245 5.17 3.73 3.06
CA VAL A 245 5.95 4.56 3.98
C VAL A 245 7.11 5.30 3.34
N ASP A 246 7.49 4.94 2.11
CA ASP A 246 8.59 5.62 1.43
C ASP A 246 8.12 6.99 0.91
N THR A 247 6.83 7.27 1.09
CA THR A 247 6.27 8.55 0.65
C THR A 247 6.88 9.62 1.55
N ILE A 248 7.05 9.25 2.82
CA ILE A 248 7.61 10.12 3.84
C ILE A 248 9.08 10.32 3.57
N ASP A 249 9.50 11.59 3.55
CA ASP A 249 10.89 11.90 3.28
C ASP A 249 11.80 11.05 4.15
N PRO A 250 12.87 10.50 3.54
CA PRO A 250 13.87 9.65 4.19
C PRO A 250 14.25 10.12 5.59
N LEU A 251 14.47 11.43 5.72
CA LEU A 251 14.82 12.04 7.00
C LEU A 251 13.90 11.45 8.06
N TYR A 252 12.67 11.17 7.65
CA TYR A 252 11.64 10.62 8.53
C TYR A 252 11.48 9.11 8.37
N VAL A 253 11.85 8.59 7.21
CA VAL A 253 11.76 7.16 6.94
C VAL A 253 13.14 6.59 6.62
N PRO A 254 14.10 6.68 7.57
CA PRO A 254 15.46 6.17 7.36
C PRO A 254 15.53 4.65 7.17
N ALA A 255 14.44 3.96 7.51
CA ALA A 255 14.40 2.50 7.38
C ALA A 255 13.40 2.00 6.32
N THR A 256 13.71 2.27 5.05
CA THR A 256 12.86 1.83 3.93
C THR A 256 13.77 1.35 2.79
N GLY A 257 13.47 1.74 1.55
CA GLY A 257 14.32 1.31 0.45
C GLY A 257 14.06 1.90 -0.93
N THR A 258 13.34 3.01 -1.01
CA THR A 258 13.04 3.65 -2.29
C THR A 258 12.62 5.13 -2.19
N PRO A 259 13.44 5.98 -1.54
CA PRO A 259 13.05 7.39 -1.44
C PRO A 259 13.91 8.31 -2.32
N VAL A 260 13.49 9.57 -2.46
CA VAL A 260 14.24 10.54 -3.28
C VAL A 260 14.19 11.96 -2.68
N ARG A 261 14.49 12.97 -3.51
CA ARG A 261 14.52 14.37 -3.08
C ARG A 261 13.17 15.10 -2.99
N GLY A 262 12.69 15.27 -1.75
CA GLY A 262 11.44 15.97 -1.52
C GLY A 262 10.24 15.16 -1.13
N GLY A 263 10.32 14.42 -0.03
CA GLY A 263 9.18 13.64 0.39
C GLY A 263 8.33 14.36 1.42
N LEU A 264 7.26 13.71 1.86
CA LEU A 264 6.40 14.28 2.87
C LEU A 264 7.12 14.34 4.19
N SER A 265 6.81 15.35 4.98
CA SER A 265 7.41 15.48 6.29
C SER A 265 6.63 14.49 7.13
N PHE A 266 7.14 14.16 8.31
CA PHE A 266 6.47 13.23 9.21
C PHE A 266 5.11 13.85 9.60
N ARG A 267 5.10 15.16 9.80
CA ARG A 267 3.89 15.88 10.15
C ARG A 267 2.84 15.71 9.07
N GLU A 268 3.24 15.95 7.83
CA GLU A 268 2.32 15.83 6.70
C GLU A 268 1.83 14.40 6.58
N ALA A 269 2.78 13.47 6.68
CA ALA A 269 2.44 12.06 6.59
C ALA A 269 1.37 11.72 7.62
N LEU A 270 1.47 12.29 8.81
CA LEU A 270 0.50 12.01 9.86
C LEU A 270 -0.77 12.84 9.77
N PHE A 271 -0.63 14.11 9.41
CA PHE A 271 -1.81 14.94 9.28
C PHE A 271 -2.73 14.30 8.24
N LEU A 272 -2.15 13.84 7.13
CA LEU A 272 -2.90 13.19 6.04
C LEU A 272 -3.83 12.12 6.61
N CYS A 273 -3.28 11.30 7.50
CA CYS A 273 -4.04 10.23 8.13
C CYS A 273 -5.23 10.81 8.88
N GLU A 274 -4.97 11.84 9.68
CA GLU A 274 -6.00 12.51 10.47
C GLU A 274 -7.13 13.04 9.60
N ARG A 275 -6.79 13.63 8.47
CA ARG A 275 -7.82 14.14 7.58
C ARG A 275 -8.66 12.98 7.08
N ILE A 276 -8.00 11.86 6.82
CA ILE A 276 -8.68 10.67 6.35
C ILE A 276 -9.57 10.10 7.44
N ALA A 277 -9.02 9.93 8.64
CA ALA A 277 -9.82 9.42 9.75
C ALA A 277 -11.01 10.36 9.94
N GLU A 278 -10.72 11.66 9.89
CA GLU A 278 -11.74 12.68 10.05
C GLU A 278 -12.88 12.51 9.03
N CYS A 279 -12.54 12.12 7.82
CA CYS A 279 -13.54 11.92 6.79
C CYS A 279 -14.65 10.96 7.24
N GLY A 280 -14.25 9.85 7.87
CA GLY A 280 -15.22 8.88 8.36
C GLY A 280 -15.66 7.78 7.39
N ARG A 281 -15.05 7.72 6.21
CA ARG A 281 -15.41 6.71 5.21
C ARG A 281 -14.27 5.75 4.82
N LEU A 282 -13.24 5.66 5.66
CA LEU A 282 -12.10 4.76 5.41
C LEU A 282 -12.62 3.32 5.58
N VAL A 283 -12.48 2.50 4.56
CA VAL A 283 -12.97 1.13 4.64
C VAL A 283 -11.88 0.07 4.75
N ALA A 284 -10.67 0.40 4.29
CA ALA A 284 -9.56 -0.54 4.37
C ALA A 284 -8.27 0.27 4.43
N LEU A 285 -7.19 -0.37 4.83
CA LEU A 285 -5.90 0.34 4.91
C LEU A 285 -4.71 -0.61 4.81
N ASP A 286 -3.75 -0.25 3.96
CA ASP A 286 -2.54 -1.05 3.83
C ASP A 286 -1.39 -0.15 4.25
N VAL A 287 -0.38 -0.73 4.87
CA VAL A 287 0.81 -0.01 5.28
C VAL A 287 1.94 -0.89 4.79
N VAL A 288 2.69 -0.41 3.80
CA VAL A 288 3.75 -1.22 3.21
C VAL A 288 5.14 -0.59 3.14
N GLU A 289 6.06 -1.36 2.56
CA GLU A 289 7.45 -0.94 2.37
C GLU A 289 8.14 -0.62 3.68
N CYS A 290 7.96 -1.49 4.67
CA CYS A 290 8.56 -1.30 5.97
C CYS A 290 9.75 -2.24 6.12
N ASN A 291 10.95 -1.69 5.97
CA ASN A 291 12.17 -2.48 6.08
C ASN A 291 12.99 -2.03 7.30
N PRO A 292 12.81 -2.73 8.43
CA PRO A 292 13.53 -2.41 9.67
C PRO A 292 15.03 -2.59 9.50
N LEU A 293 15.41 -3.70 8.88
CA LEU A 293 16.80 -4.03 8.63
C LEU A 293 17.55 -2.95 7.88
N LEU A 294 17.14 -2.67 6.64
CA LEU A 294 17.79 -1.64 5.82
C LEU A 294 17.83 -0.28 6.53
N ALA A 295 18.85 -0.14 7.36
CA ALA A 295 19.11 1.05 8.17
C ALA A 295 19.78 0.51 9.43
N ALA A 296 21.11 0.59 9.46
CA ALA A 296 21.90 0.09 10.58
C ALA A 296 21.98 0.99 11.82
N THR A 297 20.95 1.81 12.04
CA THR A 297 20.91 2.71 13.19
C THR A 297 19.76 2.31 14.13
N GLU A 298 19.62 3.01 15.24
CA GLU A 298 18.56 2.72 16.20
C GLU A 298 17.33 3.61 16.05
N SER A 299 17.52 4.79 15.45
CA SER A 299 16.41 5.71 15.22
C SER A 299 15.82 5.40 13.84
N HIS A 300 16.42 4.42 13.17
CA HIS A 300 16.00 3.97 11.85
C HIS A 300 14.99 2.83 11.98
N VAL A 301 15.39 1.78 12.70
CA VAL A 301 14.52 0.62 12.92
C VAL A 301 13.31 0.99 13.78
N ASN A 302 13.47 2.01 14.62
CA ASN A 302 12.40 2.49 15.48
C ASN A 302 11.69 3.63 14.74
N ASP A 303 11.56 3.47 13.42
CA ASP A 303 10.89 4.46 12.59
C ASP A 303 9.89 3.84 11.61
N THR A 304 10.34 3.17 10.57
CA THR A 304 9.40 2.56 9.60
C THR A 304 8.37 1.65 10.27
N ILE A 305 8.60 1.35 11.54
CA ILE A 305 7.71 0.50 12.32
C ILE A 305 7.00 1.39 13.34
N SER A 306 7.69 2.43 13.80
CA SER A 306 7.12 3.38 14.74
C SER A 306 6.22 4.29 13.93
N VAL A 307 6.64 4.55 12.69
CA VAL A 307 5.90 5.37 11.73
C VAL A 307 4.66 4.60 11.31
N GLY A 308 4.86 3.31 11.03
CA GLY A 308 3.76 2.45 10.63
C GLY A 308 2.65 2.43 11.66
N CYS A 309 3.02 2.26 12.93
CA CYS A 309 2.02 2.23 13.99
C CYS A 309 1.32 3.58 14.10
N ALA A 310 2.09 4.65 13.98
CA ALA A 310 1.57 6.01 14.07
C ALA A 310 0.54 6.23 12.97
N ILE A 311 0.90 5.84 11.75
CA ILE A 311 0.02 5.95 10.60
C ILE A 311 -1.27 5.20 10.90
N ALA A 312 -1.12 3.98 11.41
CA ALA A 312 -2.24 3.13 11.76
C ALA A 312 -3.09 3.79 12.85
N ARG A 313 -2.45 4.26 13.90
CA ARG A 313 -3.20 4.90 14.97
C ARG A 313 -3.96 6.14 14.49
N CYS A 314 -3.29 6.99 13.73
CA CYS A 314 -3.91 8.19 13.22
C CYS A 314 -5.00 7.89 12.21
N MET A 315 -4.72 6.95 11.31
CA MET A 315 -5.71 6.57 10.31
C MET A 315 -6.96 6.04 11.01
N MET A 316 -6.73 5.35 12.13
CA MET A 316 -7.82 4.77 12.88
C MET A 316 -8.44 5.68 13.94
N GLY A 317 -8.24 6.98 13.81
CA GLY A 317 -8.86 7.90 14.76
C GLY A 317 -8.04 8.61 15.82
N GLU A 318 -6.85 8.11 16.13
CA GLU A 318 -6.02 8.74 17.15
C GLU A 318 -5.82 10.24 16.83
N THR A 319 -6.20 11.11 17.77
CA THR A 319 -6.05 12.54 17.58
C THR A 319 -5.13 13.18 18.64
N LEU A 320 -4.75 14.44 18.42
CA LEU A 320 -3.89 15.16 19.34
C LEU A 320 -4.68 15.78 20.50
N LEU A 321 -5.93 16.12 20.24
CA LEU A 321 -6.80 16.70 21.25
C LEU A 321 -8.00 15.77 21.50
N TYR A 322 -8.91 16.23 22.35
CA TYR A 322 -10.10 15.44 22.70
C TYR A 322 -11.00 15.03 21.53
N THR A 323 -11.39 13.76 21.54
CA THR A 323 -12.29 13.21 20.52
C THR A 323 -13.03 12.00 21.10
MN MN B . 4.67 1.67 -3.66
MN MN C . 6.91 3.47 -3.36
N ORN D . 9.17 2.41 -10.54
CA ORN D . 10.21 1.57 -9.90
CB ORN D . 10.07 1.59 -8.36
CG ORN D . 8.62 1.34 -7.90
CD ORN D . 8.60 1.18 -6.37
NE ORN D . 7.46 0.34 -5.98
C ORN D . 10.13 0.13 -10.43
O ORN D . 10.85 -0.72 -9.98
OXT ORN D . 9.27 -0.18 -11.44
C1 GOL E . 1.95 15.39 13.77
O1 GOL E . 2.39 15.17 15.13
C2 GOL E . 0.51 15.92 13.74
O2 GOL E . -0.39 14.98 14.36
C3 GOL E . 0.07 16.16 12.31
O3 GOL E . -1.27 16.66 12.28
#